data_5Q1E
#
_entry.id   5Q1E
#
_cell.length_a   93.305
_cell.length_b   93.305
_cell.length_c   47.898
_cell.angle_alpha   90.000
_cell.angle_beta   90.000
_cell.angle_gamma   120.000
#
_symmetry.space_group_name_H-M   'P 65'
#
loop_
_entity.id
_entity.type
_entity.pdbx_description
1 polymer 'Bile acid receptor'
2 polymer 'COACTIVATOR PEPTIDE SRC-1 HD3'
3 non-polymer "5-bromo-1-{[4-(1H-tetrazol-5-yl)phenyl]methyl}-1'-(thiophene-2-sulfonyl)spiro[indole-3,4'-piperidin]-2(1H)-one"
4 water water
#
loop_
_entity_poly.entity_id
_entity_poly.type
_entity_poly.pdbx_seq_one_letter_code
_entity_poly.pdbx_strand_id
1 'polypeptide(L)'
;GSHMELTPDQQTLLHFIMDSYNKQRMPQEITNKILKEAFSAEENFLILTEMATNHVQVLVEFTKKLPGFQTLDHEDQIAL
LKGSAVEAMFLRSAEIFNKKLPSGHSDLLEARIRNSGISDEYITPMFSFYKSIGELKMTQEEYALLTAIVILSPDRQYIK
DREAVEKLQEPLLDVLQKLCKIHQPENPQHFACLLGRLTELRTFNHHHAEMLMSWRVNDHKFTPLLCEIWDVQ
;
A
2 'polypeptide(L)' KDHQLLRYLLDKDE B
#
loop_
_chem_comp.id
_chem_comp.type
_chem_comp.name
_chem_comp.formula
9NG non-polymer 5-bromo-1-{[4-(1H-tetrazol-5-yl)phenyl]methyl}-1'-(thiophene-2-sulfonyl)spiro[indole-3,4'-piperidin]-2(1H)-one 'C24 H21 Br N6 O3 S2'
#
# COMPACT_ATOMS: atom_id res chain seq x y z
N MET A 4 -7.28 25.76 -14.77
CA MET A 4 -6.15 24.89 -14.44
C MET A 4 -6.39 23.47 -14.92
N GLU A 5 -5.40 22.90 -15.65
CA GLU A 5 -5.48 21.54 -16.19
CA GLU A 5 -5.47 21.55 -16.20
C GLU A 5 -4.12 20.85 -16.19
N LEU A 6 -4.12 19.53 -16.19
CA LEU A 6 -2.90 18.74 -16.28
C LEU A 6 -2.42 18.86 -17.73
N THR A 7 -1.09 18.85 -17.96
CA THR A 7 -0.55 18.87 -19.32
C THR A 7 -0.81 17.49 -19.97
N PRO A 8 -0.75 17.34 -21.32
CA PRO A 8 -0.92 16.00 -21.93
C PRO A 8 0.08 14.99 -21.35
N ASP A 9 1.33 15.42 -21.05
CA ASP A 9 2.31 14.52 -20.46
C ASP A 9 1.86 14.05 -19.07
N GLN A 10 1.35 14.97 -18.23
CA GLN A 10 0.86 14.65 -16.88
C GLN A 10 -0.37 13.72 -16.92
N GLN A 11 -1.29 13.99 -17.86
CA GLN A 11 -2.50 13.17 -18.09
C GLN A 11 -2.10 11.74 -18.45
N THR A 12 -1.01 11.61 -19.24
CA THR A 12 -0.49 10.31 -19.70
C THR A 12 0.11 9.54 -18.53
N LEU A 13 0.95 10.20 -17.71
CA LEU A 13 1.55 9.63 -16.49
C LEU A 13 0.43 9.16 -15.54
N LEU A 14 -0.55 10.05 -15.28
CA LEU A 14 -1.66 9.70 -14.40
C LEU A 14 -2.44 8.50 -14.92
N HIS A 15 -2.74 8.47 -16.23
CA HIS A 15 -3.47 7.36 -16.84
C HIS A 15 -2.77 6.01 -16.60
N PHE A 16 -1.46 5.94 -16.83
CA PHE A 16 -0.68 4.71 -16.63
C PHE A 16 -0.78 4.22 -15.16
N ILE A 17 -0.69 5.15 -14.19
CA ILE A 17 -0.80 4.91 -12.74
CA ILE A 17 -0.79 4.81 -12.78
C ILE A 17 -2.21 4.39 -12.42
N MET A 18 -3.24 5.10 -12.92
CA MET A 18 -4.64 4.74 -12.67
C MET A 18 -4.99 3.37 -13.22
N ASP A 19 -4.50 3.08 -14.42
CA ASP A 19 -4.73 1.79 -15.09
C ASP A 19 -4.15 0.64 -14.27
N SER A 20 -2.89 0.81 -13.79
CA SER A 20 -2.21 -0.18 -12.96
CA SER A 20 -2.22 -0.20 -12.96
C SER A 20 -2.96 -0.35 -11.63
N TYR A 21 -3.38 0.78 -11.00
CA TYR A 21 -4.08 0.73 -9.72
C TYR A 21 -5.45 0.04 -9.78
N ASN A 22 -6.24 0.30 -10.85
CA ASN A 22 -7.57 -0.27 -11.03
CA ASN A 22 -7.58 -0.27 -10.97
C ASN A 22 -7.58 -1.79 -11.27
N LYS A 23 -6.39 -2.41 -11.48
CA LYS A 23 -6.31 -3.85 -11.71
C LYS A 23 -6.63 -4.67 -10.43
N GLN A 24 -6.30 -4.12 -9.23
CA GLN A 24 -6.55 -4.76 -7.94
C GLN A 24 -8.04 -5.05 -7.73
N ARG A 25 -8.33 -6.28 -7.31
CA ARG A 25 -9.66 -6.78 -7.03
C ARG A 25 -9.49 -7.94 -6.06
N MET A 26 -10.13 -7.85 -4.89
CA MET A 26 -10.08 -8.89 -3.88
C MET A 26 -10.70 -10.19 -4.43
N PRO A 27 -9.97 -11.32 -4.42
CA PRO A 27 -10.56 -12.55 -4.97
C PRO A 27 -11.69 -13.05 -4.08
N GLN A 28 -12.67 -13.72 -4.69
CA GLN A 28 -13.84 -14.26 -4.01
C GLN A 28 -13.52 -15.17 -2.83
N GLU A 29 -12.50 -16.06 -2.98
CA GLU A 29 -12.10 -17.02 -1.94
C GLU A 29 -11.74 -16.35 -0.60
N ILE A 30 -11.02 -15.22 -0.64
CA ILE A 30 -10.65 -14.46 0.56
C ILE A 30 -11.88 -13.81 1.21
N THR A 31 -12.74 -13.17 0.39
CA THR A 31 -13.99 -12.52 0.81
C THR A 31 -14.90 -13.55 1.49
N ASN A 32 -14.97 -14.78 0.94
CA ASN A 32 -15.80 -15.88 1.47
C ASN A 32 -15.28 -16.36 2.81
N LYS A 33 -13.94 -16.35 3.00
CA LYS A 33 -13.30 -16.77 4.25
C LYS A 33 -13.67 -15.80 5.37
N ILE A 34 -13.64 -14.46 5.09
CA ILE A 34 -14.03 -13.43 6.07
C ILE A 34 -15.45 -13.70 6.61
N LEU A 35 -16.31 -14.22 5.74
CA LEU A 35 -17.67 -14.54 6.08
C LEU A 35 -17.92 -15.87 6.78
N LYS A 36 -17.31 -16.99 6.30
CA LYS A 36 -17.58 -18.35 6.78
CA LYS A 36 -17.64 -18.32 6.84
C LYS A 36 -16.66 -18.94 7.86
N GLU A 37 -15.37 -18.60 7.86
CA GLU A 37 -14.42 -19.21 8.82
C GLU A 37 -14.81 -19.04 10.29
N ALA A 38 -14.41 -20.01 11.13
CA ALA A 38 -14.66 -19.97 12.58
C ALA A 38 -14.03 -18.71 13.18
N PHE A 39 -14.68 -18.16 14.21
CA PHE A 39 -14.20 -16.94 14.85
C PHE A 39 -13.27 -17.31 16.00
N SER A 40 -12.06 -17.71 15.66
CA SER A 40 -11.03 -18.08 16.64
C SER A 40 -9.78 -17.28 16.29
N ALA A 41 -8.90 -17.05 17.28
CA ALA A 41 -7.66 -16.31 17.07
C ALA A 41 -6.82 -16.91 15.93
N GLU A 42 -6.70 -18.27 15.84
CA GLU A 42 -5.90 -18.89 14.80
CA GLU A 42 -5.93 -18.97 14.81
C GLU A 42 -6.52 -18.78 13.41
N GLU A 43 -7.85 -18.97 13.28
CA GLU A 43 -8.53 -18.84 11.99
C GLU A 43 -8.54 -17.38 11.51
N ASN A 44 -8.68 -16.42 12.46
CA ASN A 44 -8.66 -15.00 12.13
C ASN A 44 -7.29 -14.59 11.65
N PHE A 45 -6.23 -15.05 12.35
CA PHE A 45 -4.84 -14.75 11.99
C PHE A 45 -4.48 -15.29 10.63
N LEU A 46 -4.92 -16.53 10.30
CA LEU A 46 -4.68 -17.17 9.01
CA LEU A 46 -4.68 -17.16 9.01
C LEU A 46 -5.28 -16.34 7.87
N ILE A 47 -6.50 -15.79 8.08
CA ILE A 47 -7.16 -14.94 7.08
C ILE A 47 -6.29 -13.69 6.82
N LEU A 48 -5.81 -13.04 7.88
CA LEU A 48 -4.95 -11.85 7.80
C LEU A 48 -3.64 -12.11 7.07
N THR A 49 -2.99 -13.25 7.36
CA THR A 49 -1.73 -13.71 6.74
CA THR A 49 -1.73 -13.60 6.70
C THR A 49 -1.92 -13.87 5.23
N GLU A 50 -3.05 -14.52 4.82
CA GLU A 50 -3.28 -14.71 3.38
CA GLU A 50 -3.34 -14.76 3.39
C GLU A 50 -3.56 -13.39 2.70
N MET A 51 -4.26 -12.47 3.37
CA MET A 51 -4.48 -11.13 2.82
C MET A 51 -3.14 -10.40 2.64
N ALA A 52 -2.26 -10.43 3.67
CA ALA A 52 -0.93 -9.81 3.63
C ALA A 52 -0.07 -10.40 2.51
N THR A 53 -0.14 -11.74 2.32
CA THR A 53 0.61 -12.47 1.30
C THR A 53 0.14 -12.07 -0.10
N ASN A 54 -1.18 -12.10 -0.31
CA ASN A 54 -1.80 -11.67 -1.56
C ASN A 54 -1.45 -10.20 -1.89
N HIS A 55 -1.38 -9.31 -0.88
CA HIS A 55 -1.01 -7.92 -1.11
C HIS A 55 0.42 -7.77 -1.71
N VAL A 56 1.35 -8.63 -1.29
CA VAL A 56 2.73 -8.59 -1.81
C VAL A 56 2.70 -8.82 -3.33
N GLN A 57 1.90 -9.80 -3.78
CA GLN A 57 1.76 -10.11 -5.19
C GLN A 57 1.09 -8.93 -5.94
N VAL A 58 0.08 -8.32 -5.32
CA VAL A 58 -0.66 -7.17 -5.84
C VAL A 58 0.28 -5.94 -6.00
N LEU A 59 1.12 -5.70 -4.97
CA LEU A 59 2.10 -4.61 -4.92
C LEU A 59 3.13 -4.74 -6.06
N VAL A 60 3.72 -5.94 -6.27
CA VAL A 60 4.72 -6.14 -7.32
C VAL A 60 4.12 -5.86 -8.72
N GLU A 61 2.93 -6.39 -8.98
CA GLU A 61 2.23 -6.19 -10.26
C GLU A 61 1.94 -4.73 -10.54
N PHE A 62 1.52 -3.99 -9.51
CA PHE A 62 1.25 -2.57 -9.64
C PHE A 62 2.54 -1.81 -9.94
N THR A 63 3.60 -2.09 -9.14
CA THR A 63 4.89 -1.41 -9.24
C THR A 63 5.55 -1.57 -10.61
N LYS A 64 5.50 -2.80 -11.17
CA LYS A 64 6.10 -3.13 -12.46
CA LYS A 64 6.09 -3.15 -12.47
C LYS A 64 5.60 -2.24 -13.59
N LYS A 65 4.35 -1.80 -13.51
CA LYS A 65 3.71 -0.95 -14.52
C LYS A 65 3.89 0.56 -14.26
N LEU A 66 4.53 0.94 -13.15
CA LEU A 66 4.74 2.37 -12.87
C LEU A 66 5.75 2.92 -13.87
N PRO A 67 5.43 4.04 -14.55
CA PRO A 67 6.36 4.59 -15.55
C PRO A 67 7.76 4.80 -15.00
N GLY A 68 8.73 4.16 -15.64
CA GLY A 68 10.15 4.25 -15.33
C GLY A 68 10.67 3.20 -14.36
N PHE A 69 9.77 2.52 -13.64
CA PHE A 69 10.22 1.50 -12.68
C PHE A 69 11.13 0.46 -13.31
N GLN A 70 10.73 -0.08 -14.48
CA GLN A 70 11.52 -1.11 -15.16
CA GLN A 70 11.48 -1.08 -15.26
C GLN A 70 12.85 -0.57 -15.72
N THR A 71 13.06 0.77 -15.69
CA THR A 71 14.32 1.39 -16.14
C THR A 71 15.36 1.42 -15.02
N LEU A 72 14.93 1.17 -13.77
CA LEU A 72 15.83 1.19 -12.63
C LEU A 72 16.65 -0.08 -12.55
N ASP A 73 17.83 0.01 -11.94
CA ASP A 73 18.72 -1.13 -11.71
C ASP A 73 17.96 -2.18 -10.94
N HIS A 74 18.13 -3.46 -11.30
CA HIS A 74 17.46 -4.60 -10.68
C HIS A 74 17.50 -4.57 -9.14
N GLU A 75 18.67 -4.29 -8.56
CA GLU A 75 18.81 -4.25 -7.11
C GLU A 75 18.04 -3.08 -6.48
N ASP A 76 17.92 -1.95 -7.20
CA ASP A 76 17.16 -0.80 -6.74
C ASP A 76 15.67 -1.09 -6.80
N GLN A 77 15.21 -1.89 -7.79
CA GLN A 77 13.80 -2.31 -7.89
C GLN A 77 13.45 -3.10 -6.63
N ILE A 78 14.35 -4.02 -6.24
CA ILE A 78 14.16 -4.85 -5.04
C ILE A 78 14.14 -4.00 -3.75
N ALA A 79 15.12 -3.09 -3.58
CA ALA A 79 15.22 -2.19 -2.43
C ALA A 79 13.93 -1.36 -2.28
N LEU A 80 13.38 -0.83 -3.40
CA LEU A 80 12.14 -0.04 -3.34
C LEU A 80 10.95 -0.89 -2.90
N LEU A 81 10.82 -2.11 -3.46
CA LEU A 81 9.74 -3.01 -3.06
C LEU A 81 9.80 -3.37 -1.58
N LYS A 82 10.99 -3.79 -1.09
CA LYS A 82 11.16 -4.14 0.32
CA LYS A 82 11.19 -4.14 0.32
C LYS A 82 10.91 -2.92 1.22
N GLY A 83 11.39 -1.76 0.81
CA GLY A 83 11.24 -0.54 1.60
C GLY A 83 9.83 -0.03 1.73
N SER A 84 8.98 -0.26 0.73
CA SER A 84 7.61 0.26 0.70
C SER A 84 6.53 -0.75 1.05
N ALA A 85 6.86 -2.05 1.10
CA ALA A 85 5.88 -3.14 1.28
C ALA A 85 4.90 -2.91 2.44
N VAL A 86 5.40 -2.54 3.62
CA VAL A 86 4.54 -2.31 4.80
C VAL A 86 3.67 -1.08 4.58
N GLU A 87 4.26 0.07 4.19
CA GLU A 87 3.48 1.31 3.96
C GLU A 87 2.40 1.11 2.86
N ALA A 88 2.76 0.47 1.73
CA ALA A 88 1.80 0.23 0.64
C ALA A 88 0.65 -0.65 1.13
N MET A 89 0.96 -1.66 1.97
CA MET A 89 -0.03 -2.56 2.55
C MET A 89 -1.08 -1.78 3.34
N PHE A 90 -0.64 -0.92 4.28
CA PHE A 90 -1.57 -0.16 5.10
C PHE A 90 -2.37 0.85 4.31
N LEU A 91 -1.78 1.44 3.28
CA LEU A 91 -2.51 2.40 2.45
C LEU A 91 -3.64 1.71 1.67
N ARG A 92 -3.33 0.54 1.06
CA ARG A 92 -4.34 -0.24 0.33
C ARG A 92 -5.42 -0.70 1.31
N SER A 93 -5.01 -1.11 2.54
CA SER A 93 -5.91 -1.54 3.62
CA SER A 93 -5.94 -1.55 3.58
C SER A 93 -6.93 -0.47 3.97
N ALA A 94 -6.45 0.79 4.09
CA ALA A 94 -7.27 1.96 4.40
C ALA A 94 -8.35 2.11 3.33
N GLU A 95 -7.96 1.97 2.05
CA GLU A 95 -8.89 2.07 0.93
C GLU A 95 -9.95 0.95 0.93
N ILE A 96 -9.53 -0.30 1.11
CA ILE A 96 -10.41 -1.47 1.13
C ILE A 96 -11.38 -1.44 2.32
N PHE A 97 -10.88 -1.08 3.51
CA PHE A 97 -11.70 -0.97 4.72
C PHE A 97 -12.77 0.13 4.60
N ASN A 98 -12.39 1.30 4.04
CA ASN A 98 -13.27 2.47 3.90
C ASN A 98 -14.06 2.60 2.57
N LYS A 99 -13.77 1.77 1.53
CA LYS A 99 -14.46 1.92 0.24
C LYS A 99 -14.88 0.62 -0.46
N LYS A 100 -14.01 -0.41 -0.50
CA LYS A 100 -14.29 -1.63 -1.28
C LYS A 100 -15.20 -2.65 -0.60
N LEU A 101 -14.89 -3.02 0.65
CA LEU A 101 -15.70 -4.01 1.37
C LEU A 101 -17.08 -3.47 1.79
N PRO A 102 -18.16 -4.29 1.67
CA PRO A 102 -19.48 -3.82 2.18
C PRO A 102 -19.42 -3.65 3.69
N SER A 103 -20.31 -2.80 4.26
CA SER A 103 -20.38 -2.50 5.70
C SER A 103 -20.30 -3.73 6.62
N GLY A 104 -21.06 -4.78 6.31
CA GLY A 104 -21.10 -6.02 7.09
C GLY A 104 -19.81 -6.80 7.05
N HIS A 105 -19.18 -6.89 5.85
CA HIS A 105 -17.90 -7.57 5.63
C HIS A 105 -16.77 -6.84 6.34
N SER A 106 -16.74 -5.49 6.26
CA SER A 106 -15.73 -4.65 6.92
C SER A 106 -15.89 -4.76 8.42
N ASP A 107 -17.15 -4.82 8.91
CA ASP A 107 -17.44 -4.98 10.33
C ASP A 107 -16.91 -6.32 10.81
N LEU A 108 -17.10 -7.39 10.00
CA LEU A 108 -16.61 -8.72 10.32
C LEU A 108 -15.09 -8.79 10.21
N LEU A 109 -14.50 -8.11 9.23
CA LEU A 109 -13.04 -8.11 9.11
C LEU A 109 -12.41 -7.40 10.30
N GLU A 110 -12.99 -6.26 10.75
CA GLU A 110 -12.52 -5.54 11.95
C GLU A 110 -12.63 -6.44 13.21
N ALA A 111 -13.75 -7.20 13.34
CA ALA A 111 -13.98 -8.14 14.44
C ALA A 111 -12.86 -9.19 14.43
N ARG A 112 -12.51 -9.68 13.23
CA ARG A 112 -11.45 -10.68 13.03
C ARG A 112 -10.08 -10.12 13.37
N ILE A 113 -9.78 -8.89 12.90
CA ILE A 113 -8.52 -8.19 13.19
C ILE A 113 -8.37 -8.01 14.72
N ARG A 114 -9.46 -7.56 15.40
CA ARG A 114 -9.48 -7.33 16.85
C ARG A 114 -9.44 -8.61 17.69
N ASN A 115 -9.66 -9.77 17.05
CA ASN A 115 -9.65 -11.07 17.73
C ASN A 115 -8.72 -12.04 17.00
N SER A 116 -7.49 -11.59 16.72
CA SER A 116 -6.51 -12.38 15.98
C SER A 116 -5.25 -12.69 16.78
N GLY A 117 -5.22 -12.26 18.03
CA GLY A 117 -4.08 -12.44 18.92
C GLY A 117 -3.06 -11.33 18.79
N ILE A 118 -3.36 -10.31 17.97
CA ILE A 118 -2.47 -9.15 17.78
C ILE A 118 -2.79 -8.11 18.86
N SER A 119 -1.73 -7.56 19.49
CA SER A 119 -1.83 -6.56 20.56
C SER A 119 -2.48 -5.23 20.12
N ASP A 120 -3.14 -4.53 21.07
CA ASP A 120 -3.78 -3.23 20.84
C ASP A 120 -2.75 -2.14 20.54
N GLU A 121 -1.47 -2.39 20.87
CA GLU A 121 -0.37 -1.48 20.61
C GLU A 121 -0.25 -1.26 19.08
N TYR A 122 -0.60 -2.29 18.29
CA TYR A 122 -0.56 -2.25 16.83
C TYR A 122 -1.94 -2.02 16.21
N ILE A 123 -3.03 -2.61 16.81
CA ILE A 123 -4.41 -2.46 16.32
C ILE A 123 -4.92 -1.01 16.42
N THR A 124 -4.66 -0.32 17.55
CA THR A 124 -5.09 1.07 17.80
C THR A 124 -4.53 2.05 16.72
N PRO A 125 -3.20 2.19 16.46
CA PRO A 125 -2.77 3.12 15.39
C PRO A 125 -3.28 2.71 14.00
N MET A 126 -3.50 1.41 13.75
CA MET A 126 -4.04 0.92 12.49
C MET A 126 -5.44 1.51 12.23
N PHE A 127 -6.40 1.32 13.17
CA PHE A 127 -7.74 1.88 13.00
C PHE A 127 -7.76 3.40 13.10
N SER A 128 -6.81 4.01 13.83
CA SER A 128 -6.71 5.48 13.91
C SER A 128 -6.35 6.01 12.52
N PHE A 129 -5.42 5.33 11.82
CA PHE A 129 -5.02 5.65 10.45
C PHE A 129 -6.18 5.55 9.46
N TYR A 130 -6.97 4.45 9.52
CA TYR A 130 -8.12 4.27 8.61
C TYR A 130 -9.12 5.41 8.74
N LYS A 131 -9.46 5.81 9.98
CA LYS A 131 -10.37 6.94 10.26
C LYS A 131 -9.77 8.24 9.70
N SER A 132 -8.47 8.48 9.94
CA SER A 132 -7.75 9.66 9.46
C SER A 132 -7.72 9.79 7.92
N ILE A 133 -7.61 8.65 7.22
CA ILE A 133 -7.66 8.59 5.75
C ILE A 133 -9.11 8.82 5.27
N GLY A 134 -10.07 8.23 5.98
CA GLY A 134 -11.50 8.38 5.68
C GLY A 134 -11.96 9.82 5.71
N GLU A 135 -11.41 10.63 6.64
CA GLU A 135 -11.70 12.06 6.79
C GLU A 135 -11.37 12.87 5.53
N LEU A 136 -10.27 12.50 4.83
CA LEU A 136 -9.85 13.21 3.63
C LEU A 136 -10.71 12.97 2.39
N LYS A 137 -11.60 11.95 2.44
CA LYS A 137 -12.50 11.58 1.34
C LYS A 137 -11.71 11.53 0.02
N MET A 138 -10.63 10.75 0.05
CA MET A 138 -9.72 10.62 -1.08
C MET A 138 -10.36 10.02 -2.30
N THR A 139 -10.00 10.55 -3.45
CA THR A 139 -10.46 10.07 -4.75
C THR A 139 -9.55 8.89 -5.14
N GLN A 140 -9.96 8.13 -6.17
CA GLN A 140 -9.16 7.00 -6.66
CA GLN A 140 -9.17 7.00 -6.67
C GLN A 140 -7.79 7.50 -7.16
N GLU A 141 -7.76 8.68 -7.84
CA GLU A 141 -6.52 9.30 -8.38
C GLU A 141 -5.58 9.62 -7.23
N GLU A 142 -6.12 10.10 -6.10
CA GLU A 142 -5.33 10.40 -4.90
C GLU A 142 -4.75 9.12 -4.32
N TYR A 143 -5.56 8.04 -4.18
CA TYR A 143 -5.02 6.77 -3.67
C TYR A 143 -3.89 6.21 -4.55
N ALA A 144 -4.11 6.20 -5.87
CA ALA A 144 -3.14 5.65 -6.84
C ALA A 144 -1.83 6.44 -6.81
N LEU A 145 -1.93 7.77 -6.87
CA LEU A 145 -0.73 8.63 -6.83
C LEU A 145 0.01 8.50 -5.51
N LEU A 146 -0.73 8.51 -4.37
CA LEU A 146 -0.08 8.36 -3.06
CA LEU A 146 -0.07 8.36 -3.07
C LEU A 146 0.63 7.03 -2.97
N THR A 147 0.02 5.95 -3.53
CA THR A 147 0.69 4.64 -3.52
C THR A 147 2.00 4.68 -4.33
N ALA A 148 1.96 5.29 -5.52
CA ALA A 148 3.15 5.42 -6.39
C ALA A 148 4.27 6.22 -5.70
N ILE A 149 3.92 7.32 -5.03
CA ILE A 149 4.85 8.20 -4.28
C ILE A 149 5.52 7.45 -3.11
N VAL A 150 4.76 6.62 -2.40
CA VAL A 150 5.22 5.76 -1.31
C VAL A 150 6.26 4.76 -1.89
N ILE A 151 5.89 4.08 -2.98
CA ILE A 151 6.77 3.07 -3.59
C ILE A 151 8.07 3.68 -4.14
N LEU A 152 7.94 4.80 -4.86
CA LEU A 152 9.07 5.45 -5.48
C LEU A 152 9.74 6.45 -4.56
N SER A 153 9.93 6.07 -3.27
CA SER A 153 10.57 6.90 -2.26
CA SER A 153 10.58 6.92 -2.28
C SER A 153 12.11 6.83 -2.42
N PRO A 154 12.79 7.95 -2.78
CA PRO A 154 14.25 7.88 -2.99
C PRO A 154 15.15 7.66 -1.78
N ASP A 155 14.61 7.77 -0.56
CA ASP A 155 15.39 7.65 0.67
C ASP A 155 15.32 6.28 1.35
N ARG A 156 14.88 5.24 0.64
CA ARG A 156 14.83 3.90 1.22
C ARG A 156 16.26 3.41 1.37
N GLN A 157 16.49 2.53 2.33
CA GLN A 157 17.80 1.94 2.57
C GLN A 157 18.19 1.06 1.40
N TYR A 158 19.50 1.01 1.10
CA TYR A 158 20.14 0.17 0.09
C TYR A 158 19.85 0.54 -1.39
N ILE A 159 19.40 1.77 -1.66
CA ILE A 159 19.21 2.22 -3.05
C ILE A 159 20.58 2.73 -3.49
N LYS A 160 21.08 2.27 -4.67
CA LYS A 160 22.38 2.71 -5.18
C LYS A 160 22.29 3.98 -6.05
N ASP A 161 21.22 4.14 -6.86
CA ASP A 161 21.06 5.33 -7.71
C ASP A 161 19.77 6.09 -7.32
N ARG A 162 19.88 6.90 -6.25
CA ARG A 162 18.78 7.68 -5.68
C ARG A 162 18.28 8.76 -6.60
N GLU A 163 19.20 9.38 -7.37
CA GLU A 163 18.85 10.43 -8.33
C GLU A 163 17.87 9.89 -9.35
N ALA A 164 18.06 8.64 -9.78
CA ALA A 164 17.18 7.98 -10.73
C ALA A 164 15.76 7.86 -10.14
N VAL A 165 15.65 7.55 -8.83
CA VAL A 165 14.34 7.39 -8.15
C VAL A 165 13.66 8.75 -7.99
N GLU A 166 14.45 9.79 -7.62
CA GLU A 166 13.99 11.18 -7.47
C GLU A 166 13.33 11.68 -8.76
N LYS A 167 13.95 11.38 -9.92
CA LYS A 167 13.43 11.76 -11.24
C LYS A 167 12.08 11.12 -11.53
N LEU A 168 11.79 9.97 -10.91
CA LEU A 168 10.50 9.30 -11.08
CA LEU A 168 10.50 9.28 -11.06
C LEU A 168 9.46 9.80 -10.07
N GLN A 169 9.89 10.13 -8.84
CA GLN A 169 8.98 10.59 -7.78
C GLN A 169 8.50 12.03 -7.92
N GLU A 170 9.40 12.97 -8.27
CA GLU A 170 9.06 14.39 -8.38
C GLU A 170 7.86 14.66 -9.31
N PRO A 171 7.77 14.07 -10.54
CA PRO A 171 6.60 14.34 -11.41
C PRO A 171 5.28 13.90 -10.77
N LEU A 172 5.30 12.84 -9.95
CA LEU A 172 4.09 12.34 -9.28
C LEU A 172 3.63 13.31 -8.22
N LEU A 173 4.57 13.87 -7.43
CA LEU A 173 4.23 14.87 -6.42
C LEU A 173 3.68 16.11 -7.11
N ASP A 174 4.26 16.47 -8.29
CA ASP A 174 3.78 17.61 -9.09
C ASP A 174 2.33 17.40 -9.54
N VAL A 175 2.01 16.21 -10.07
CA VAL A 175 0.66 15.87 -10.53
C VAL A 175 -0.33 15.91 -9.34
N LEU A 176 0.04 15.31 -8.21
CA LEU A 176 -0.83 15.28 -7.02
C LEU A 176 -1.12 16.70 -6.52
N GLN A 177 -0.09 17.55 -6.43
CA GLN A 177 -0.33 18.92 -6.00
C GLN A 177 -1.28 19.66 -6.98
N LYS A 178 -1.09 19.46 -8.30
CA LYS A 178 -1.92 20.09 -9.32
C LYS A 178 -3.39 19.62 -9.25
N LEU A 179 -3.63 18.32 -8.99
CA LEU A 179 -4.99 17.79 -8.81
C LEU A 179 -5.66 18.42 -7.59
N CYS A 180 -4.89 18.73 -6.52
CA CYS A 180 -5.41 19.41 -5.32
C CYS A 180 -5.85 20.84 -5.67
N LYS A 181 -5.04 21.53 -6.50
CA LYS A 181 -5.34 22.90 -6.94
C LYS A 181 -6.56 22.96 -7.89
N ILE A 182 -6.72 21.94 -8.74
CA ILE A 182 -7.82 21.84 -9.70
C ILE A 182 -9.14 21.48 -9.01
N HIS A 183 -9.16 20.39 -8.20
CA HIS A 183 -10.36 19.83 -7.60
C HIS A 183 -10.75 20.40 -6.25
N GLN A 184 -9.78 20.95 -5.50
CA GLN A 184 -10.09 21.56 -4.20
C GLN A 184 -9.49 22.99 -4.09
N PRO A 185 -9.85 23.95 -5.01
CA PRO A 185 -9.26 25.30 -4.94
C PRO A 185 -9.63 26.09 -3.70
N GLU A 186 -10.79 25.78 -3.08
CA GLU A 186 -11.28 26.45 -1.87
C GLU A 186 -10.62 25.86 -0.61
N ASN A 187 -9.84 24.76 -0.78
CA ASN A 187 -9.16 24.08 0.31
C ASN A 187 -7.63 24.03 0.04
N PRO A 188 -6.90 25.16 0.25
CA PRO A 188 -5.44 25.15 -0.01
C PRO A 188 -4.60 24.19 0.85
N GLN A 189 -5.12 23.76 2.01
CA GLN A 189 -4.39 22.83 2.89
C GLN A 189 -4.57 21.35 2.52
N HIS A 190 -5.33 21.06 1.44
CA HIS A 190 -5.58 19.69 1.01
C HIS A 190 -4.31 18.90 0.71
N PHE A 191 -3.35 19.48 -0.04
CA PHE A 191 -2.08 18.81 -0.33
C PHE A 191 -1.29 18.53 0.97
N ALA A 192 -1.28 19.51 1.92
CA ALA A 192 -0.61 19.37 3.23
C ALA A 192 -1.20 18.18 4.02
N CYS A 193 -2.53 17.98 3.91
CA CYS A 193 -3.25 16.87 4.55
C CYS A 193 -2.79 15.53 3.98
N LEU A 194 -2.64 15.44 2.65
CA LEU A 194 -2.17 14.23 1.97
C LEU A 194 -0.75 13.91 2.40
N LEU A 195 0.09 14.96 2.55
CA LEU A 195 1.47 14.78 3.05
C LEU A 195 1.48 14.22 4.48
N GLY A 196 0.52 14.64 5.29
CA GLY A 196 0.33 14.18 6.67
C GLY A 196 0.13 12.66 6.74
N ARG A 197 -0.42 12.07 5.67
CA ARG A 197 -0.64 10.64 5.57
CA ARG A 197 -0.64 10.64 5.58
C ARG A 197 0.65 9.90 5.25
N LEU A 198 1.56 10.55 4.47
CA LEU A 198 2.86 9.93 4.13
C LEU A 198 3.70 9.69 5.38
N THR A 199 3.77 10.71 6.26
CA THR A 199 4.51 10.61 7.52
C THR A 199 3.83 9.63 8.47
N GLU A 200 2.48 9.69 8.59
CA GLU A 200 1.75 8.72 9.42
C GLU A 200 2.01 7.26 8.95
N LEU A 201 2.02 7.02 7.63
CA LEU A 201 2.36 5.70 7.06
C LEU A 201 3.74 5.20 7.50
N ARG A 202 4.74 6.10 7.55
CA ARG A 202 6.09 5.71 7.99
C ARG A 202 6.15 5.12 9.39
N THR A 203 5.24 5.56 10.29
CA THR A 203 5.23 5.04 11.67
C THR A 203 4.91 3.56 11.74
N PHE A 204 4.23 3.00 10.69
CA PHE A 204 3.91 1.57 10.65
C PHE A 204 5.13 0.68 10.46
N ASN A 205 6.25 1.21 9.92
CA ASN A 205 7.47 0.43 9.72
C ASN A 205 7.97 -0.13 11.05
N HIS A 206 7.99 0.70 12.12
CA HIS A 206 8.39 0.31 13.47
C HIS A 206 7.38 -0.67 14.10
N HIS A 207 6.08 -0.26 14.13
CA HIS A 207 4.97 -1.06 14.67
C HIS A 207 4.93 -2.45 14.07
N HIS A 208 5.16 -2.55 12.76
CA HIS A 208 5.19 -3.82 12.05
C HIS A 208 6.42 -4.65 12.41
N ALA A 209 7.60 -4.01 12.51
CA ALA A 209 8.86 -4.67 12.85
C ALA A 209 8.79 -5.28 14.26
N GLU A 210 8.26 -4.51 15.24
CA GLU A 210 8.10 -4.94 16.63
C GLU A 210 7.15 -6.14 16.71
N MET A 211 5.99 -6.05 16.00
CA MET A 211 4.97 -7.10 15.93
C MET A 211 5.58 -8.44 15.44
N LEU A 212 6.45 -8.39 14.40
CA LEU A 212 7.11 -9.56 13.83
C LEU A 212 8.10 -10.21 14.80
N MET A 213 8.84 -9.39 15.60
CA MET A 213 9.80 -9.85 16.60
C MET A 213 9.12 -10.48 17.81
N SER A 214 7.82 -10.17 18.01
CA SER A 214 6.99 -10.67 19.12
C SER A 214 6.46 -12.10 18.91
N TRP A 215 6.73 -12.71 17.74
CA TRP A 215 6.25 -14.06 17.41
C TRP A 215 7.25 -15.14 17.80
N ARG A 216 6.73 -16.24 18.36
CA ARG A 216 7.50 -17.41 18.79
C ARG A 216 7.12 -18.64 17.97
N LYS A 221 1.00 -18.34 14.79
CA LYS A 221 1.35 -16.93 14.58
C LYS A 221 2.63 -16.74 13.75
N PHE A 222 3.66 -17.61 13.94
CA PHE A 222 4.91 -17.53 13.19
C PHE A 222 4.66 -17.84 11.70
N THR A 223 4.97 -16.85 10.82
CA THR A 223 4.78 -16.97 9.37
C THR A 223 6.11 -16.79 8.62
N PRO A 224 6.82 -17.90 8.30
CA PRO A 224 8.16 -17.78 7.68
C PRO A 224 8.25 -16.97 6.39
N LEU A 225 7.29 -17.10 5.45
CA LEU A 225 7.31 -16.38 4.17
C LEU A 225 7.31 -14.86 4.31
N LEU A 226 6.38 -14.32 5.12
CA LEU A 226 6.24 -12.88 5.31
C LEU A 226 7.43 -12.24 6.03
N CYS A 227 8.01 -12.95 7.01
CA CYS A 227 9.20 -12.51 7.78
C CYS A 227 10.43 -12.28 6.89
N GLU A 228 10.55 -13.01 5.76
CA GLU A 228 11.66 -12.87 4.82
C GLU A 228 11.51 -11.60 3.99
N ILE A 229 10.27 -11.26 3.56
CA ILE A 229 9.96 -10.07 2.76
C ILE A 229 10.15 -8.79 3.59
N TRP A 230 9.62 -8.77 4.81
CA TRP A 230 9.67 -7.61 5.73
C TRP A 230 10.95 -7.51 6.57
N ASP A 231 11.83 -8.53 6.51
CA ASP A 231 13.10 -8.62 7.26
C ASP A 231 12.87 -8.76 8.77
N ASP B 2 19.18 -14.44 -1.36
CA ASP B 2 18.27 -13.51 -0.68
C ASP B 2 17.25 -12.85 -1.61
N HIS B 3 16.10 -12.40 -1.05
CA HIS B 3 14.96 -11.75 -1.74
C HIS B 3 14.46 -12.58 -2.94
N GLN B 4 14.45 -13.90 -2.76
CA GLN B 4 14.08 -14.89 -3.77
C GLN B 4 12.64 -14.74 -4.27
N LEU B 5 11.67 -14.48 -3.37
CA LEU B 5 10.28 -14.32 -3.79
C LEU B 5 10.06 -13.04 -4.62
N LEU B 6 10.55 -11.88 -4.12
CA LEU B 6 10.45 -10.60 -4.84
C LEU B 6 11.07 -10.70 -6.24
N ARG B 7 12.25 -11.36 -6.35
CA ARG B 7 12.98 -11.58 -7.60
CA ARG B 7 12.98 -11.58 -7.60
C ARG B 7 12.11 -12.34 -8.59
N TYR B 8 11.46 -13.42 -8.14
CA TYR B 8 10.59 -14.23 -8.97
C TYR B 8 9.38 -13.40 -9.45
N LEU B 9 8.70 -12.71 -8.53
CA LEU B 9 7.52 -11.89 -8.84
C LEU B 9 7.84 -10.79 -9.85
N LEU B 10 9.00 -10.17 -9.69
CA LEU B 10 9.51 -9.10 -10.54
C LEU B 10 9.81 -9.60 -11.95
N ASP B 11 10.28 -10.86 -12.09
CA ASP B 11 10.61 -11.48 -13.38
C ASP B 11 9.36 -11.95 -14.12
N LYS B 12 8.35 -12.44 -13.38
CA LYS B 12 7.06 -12.93 -13.88
C LYS B 12 6.28 -11.81 -14.58
C4 9NG C . -4.72 -6.25 5.83
C5 9NG C . -6.05 -5.59 5.57
C6 9NG C . -6.12 -5.21 4.24
C7 9NG C . -1.14 -8.71 9.25
C15 9NG C . -3.81 -5.18 6.79
C17 9NG C . -4.66 -5.32 2.16
C20 9NG C . -7.25 -4.56 3.74
C21 9NG C . -5.37 -7.86 -1.24
C24 9NG C . -2.62 -5.84 7.45
C26 9NG C . -1.34 -10.05 9.45
C28 9NG C . -0.16 -10.77 9.16
BR36 9NG C . -9.65 -4.27 7.11
C31 9NG C . -8.21 -4.66 5.93
C33 9NG C . -8.30 -4.28 4.61
N2 9NG C . -4.96 -5.61 3.56
C32 9NG C . -4.91 -6.26 1.03
C34 9NG C . -5.03 -7.64 1.16
C30 9NG C . -5.26 -8.44 0.04
C29 9NG C . -5.24 -6.49 -1.34
C35 9NG C . -5.01 -5.71 -0.24
C12 9NG C . -5.61 -8.66 -2.45
N11 9NG C . -5.27 -9.92 -2.63
N8 9NG C . -5.67 -10.23 -3.90
N10 9NG C . -6.22 -9.21 -4.47
N13 9NG C . -6.19 -8.20 -3.57
C3 9NG C . -4.08 -6.22 4.43
O22 9NG C . -2.97 -6.65 4.14
N9 9NG C . -3.09 -7.06 8.13
C25 9NG C . -3.49 -8.11 7.17
C14 9NG C . -4.77 -7.69 6.43
S1 9NG C . -2.35 -7.49 9.51
O18 9NG C . -3.36 -8.07 10.34
O19 9NG C . -1.65 -6.34 9.98
C27 9NG C . 0.86 -9.99 8.76
S16 9NG C . 0.44 -8.34 8.73
C23 9NG C . -7.10 -5.31 6.44
#